data_8SJ5
#
_entry.id   8SJ5
#
_cell.length_a   106.767
_cell.length_b   79.346
_cell.length_c   63.914
_cell.angle_alpha   90.000
_cell.angle_beta   108.110
_cell.angle_gamma   90.000
#
_symmetry.space_group_name_H-M   'C 1 2 1'
#
_entity_poly.entity_id   1
_entity_poly.type   'polypeptide(L)'
_entity_poly.pdbx_seq_one_letter_code
;MATVGGISDVNEGKQNSLEIDSLARFAVDEHNKKQNTLLEFGKVLNAKQQVVSGTVYYITLEVTDGGKKKVYEAKIWEKP
WLNFKELQEFKLIDDAPSGSSA
;
_entity_poly.pdbx_strand_id   A,C,B,D
#
# COMPACT_ATOMS: atom_id res chain seq x y z
N SER A 17 -24.33 11.19 -14.69
CA SER A 17 -23.56 10.28 -13.84
C SER A 17 -24.20 8.89 -13.82
N LEU A 18 -24.53 8.37 -15.02
CA LEU A 18 -25.46 7.25 -15.09
C LEU A 18 -24.79 5.89 -14.96
N GLU A 19 -23.61 5.67 -15.58
CA GLU A 19 -22.83 4.47 -15.30
C GLU A 19 -21.51 4.77 -14.59
N ILE A 20 -21.35 5.96 -14.00
CA ILE A 20 -20.38 6.10 -12.93
C ILE A 20 -21.06 5.83 -11.59
N ASP A 21 -22.38 5.94 -11.53
CA ASP A 21 -23.13 5.27 -10.47
C ASP A 21 -22.81 3.77 -10.45
N SER A 22 -22.60 3.18 -11.63
CA SER A 22 -22.21 1.78 -11.70
C SER A 22 -20.86 1.54 -11.04
N LEU A 23 -19.93 2.48 -11.20
CA LEU A 23 -18.63 2.34 -10.55
C LEU A 23 -18.68 2.74 -9.07
N ALA A 24 -19.66 3.55 -8.68
CA ALA A 24 -19.83 3.85 -7.26
C ALA A 24 -20.26 2.61 -6.48
N ARG A 25 -21.08 1.75 -7.10
CA ARG A 25 -21.47 0.51 -6.45
C ARG A 25 -20.28 -0.46 -6.39
N PHE A 26 -19.40 -0.41 -7.38
CA PHE A 26 -18.14 -1.16 -7.33
C PHE A 26 -17.38 -0.86 -6.04
N ALA A 27 -17.23 0.44 -5.72
CA ALA A 27 -16.44 0.82 -4.56
C ALA A 27 -17.03 0.27 -3.27
N VAL A 28 -18.34 0.40 -3.10
CA VAL A 28 -18.98 -0.07 -1.87
C VAL A 28 -18.91 -1.59 -1.77
N ASP A 29 -19.03 -2.28 -2.91
CA ASP A 29 -18.94 -3.74 -2.90
C ASP A 29 -17.54 -4.20 -2.51
N GLU A 30 -16.54 -3.87 -3.32
CA GLU A 30 -15.17 -4.29 -3.03
C GLU A 30 -14.65 -3.72 -1.72
N HIS A 31 -15.30 -2.68 -1.19
CA HIS A 31 -15.10 -2.34 0.21
C HIS A 31 -15.58 -3.49 1.10
N ASN A 32 -16.87 -3.82 1.01
CA ASN A 32 -17.46 -4.83 1.88
C ASN A 32 -16.70 -6.16 1.79
N LYS A 33 -16.27 -6.55 0.60
CA LYS A 33 -15.51 -7.79 0.48
C LYS A 33 -14.13 -7.66 1.13
N LYS A 34 -13.39 -6.61 0.78
CA LYS A 34 -12.08 -6.39 1.38
C LYS A 34 -12.18 -6.07 2.87
N GLN A 35 -13.32 -5.51 3.31
CA GLN A 35 -13.40 -4.92 4.64
C GLN A 35 -14.39 -5.61 5.55
N ASN A 36 -15.25 -6.50 5.03
CA ASN A 36 -16.28 -7.23 5.78
C ASN A 36 -17.34 -6.32 6.39
N THR A 37 -17.40 -5.06 5.99
CA THR A 37 -18.48 -4.19 6.44
C THR A 37 -19.75 -4.51 5.66
N LEU A 38 -20.84 -3.84 6.05
CA LEU A 38 -22.15 -4.06 5.42
C LEU A 38 -22.77 -2.71 5.07
N LEU A 39 -22.05 -1.94 4.24
CA LEU A 39 -22.58 -0.71 3.69
C LEU A 39 -23.56 -1.03 2.57
N GLU A 40 -24.70 -0.35 2.56
CA GLU A 40 -25.63 -0.43 1.45
C GLU A 40 -25.68 0.91 0.73
N PHE A 41 -25.67 0.86 -0.60
CA PHE A 41 -25.47 2.04 -1.43
C PHE A 41 -26.54 3.11 -1.18
N GLY A 42 -26.21 4.33 -1.56
CA GLY A 42 -27.15 5.43 -1.59
C GLY A 42 -27.15 6.11 -2.94
N LYS A 43 -26.32 7.13 -3.10
CA LYS A 43 -26.16 7.80 -4.39
C LYS A 43 -24.84 8.56 -4.39
N VAL A 44 -24.43 8.98 -5.58
CA VAL A 44 -23.19 9.73 -5.76
C VAL A 44 -23.48 11.22 -5.56
N LEU A 45 -22.67 11.86 -4.74
CA LEU A 45 -22.82 13.29 -4.48
C LEU A 45 -21.93 14.15 -5.36
N ASN A 46 -20.76 13.65 -5.73
CA ASN A 46 -19.84 14.39 -6.59
C ASN A 46 -18.83 13.42 -7.18
N ALA A 47 -18.24 13.82 -8.31
CA ALA A 47 -17.28 12.98 -8.99
C ALA A 47 -16.48 13.81 -9.99
N LYS A 48 -15.16 13.61 -10.00
CA LYS A 48 -14.27 14.24 -10.96
C LYS A 48 -13.31 13.21 -11.52
N GLN A 49 -13.20 13.16 -12.84
CA GLN A 49 -12.37 12.20 -13.54
C GLN A 49 -11.06 12.84 -13.96
N GLN A 50 -9.99 12.06 -13.90
CA GLN A 50 -8.63 12.56 -14.16
C GLN A 50 -7.90 11.55 -15.04
N VAL A 51 -7.75 11.88 -16.32
CA VAL A 51 -7.00 11.03 -17.24
C VAL A 51 -5.52 11.21 -16.98
N VAL A 52 -4.81 10.12 -16.71
CA VAL A 52 -3.40 10.15 -16.36
C VAL A 52 -2.59 9.57 -17.51
N SER A 53 -1.41 10.15 -17.74
CA SER A 53 -0.51 9.70 -18.80
C SER A 53 0.88 10.21 -18.49
N GLY A 54 1.81 9.31 -18.23
CA GLY A 54 3.17 9.71 -17.91
C GLY A 54 3.98 8.52 -17.47
N THR A 55 5.22 8.81 -17.07
CA THR A 55 6.19 7.79 -16.72
C THR A 55 6.68 8.01 -15.29
N VAL A 56 6.92 6.91 -14.58
CA VAL A 56 7.40 6.94 -13.20
C VAL A 56 8.75 6.25 -13.15
N TYR A 57 9.58 6.66 -12.19
CA TYR A 57 10.97 6.21 -12.10
C TYR A 57 11.34 5.91 -10.66
N TYR A 58 11.81 4.69 -10.41
CA TYR A 58 12.37 4.29 -9.12
C TYR A 58 13.87 4.10 -9.32
N ILE A 59 14.67 4.93 -8.67
CA ILE A 59 16.12 4.91 -8.85
C ILE A 59 16.80 4.90 -7.49
N THR A 60 17.59 3.87 -7.23
CA THR A 60 18.60 3.93 -6.18
C THR A 60 19.86 4.53 -6.76
N LEU A 61 20.55 5.36 -5.98
CA LEU A 61 21.70 6.10 -6.49
C LEU A 61 22.67 6.35 -5.35
N GLU A 62 23.93 6.60 -5.72
CA GLU A 62 25.00 6.81 -4.77
C GLU A 62 25.26 8.30 -4.58
N VAL A 63 25.41 8.71 -3.32
CA VAL A 63 25.49 10.11 -2.95
C VAL A 63 26.69 10.31 -2.03
N THR A 64 27.16 11.56 -1.96
CA THR A 64 28.34 11.90 -1.18
C THR A 64 28.17 13.26 -0.52
N ASP A 65 28.38 13.32 0.79
CA ASP A 65 28.42 14.59 1.52
C ASP A 65 29.14 14.36 2.84
N GLY A 66 30.14 15.19 3.11
CA GLY A 66 30.90 15.05 4.34
C GLY A 66 31.88 13.90 4.34
N GLY A 67 32.23 13.38 3.18
CA GLY A 67 33.21 12.30 3.11
C GLY A 67 32.64 10.96 2.67
N LYS A 68 32.10 10.21 3.63
CA LYS A 68 31.62 8.87 3.34
C LYS A 68 30.36 8.91 2.50
N LYS A 69 30.04 7.77 1.89
CA LYS A 69 29.03 7.69 0.83
C LYS A 69 27.72 7.14 1.37
N LYS A 70 26.67 7.31 0.57
CA LYS A 70 25.33 6.84 0.93
C LYS A 70 24.63 6.31 -0.31
N VAL A 71 23.41 5.79 -0.09
CA VAL A 71 22.52 5.34 -1.16
C VAL A 71 21.11 5.77 -0.79
N TYR A 72 20.36 6.29 -1.77
CA TYR A 72 19.05 6.88 -1.50
C TYR A 72 17.98 6.26 -2.39
N GLU A 73 16.81 6.03 -1.80
CA GLU A 73 15.62 5.75 -2.58
C GLU A 73 15.14 7.02 -3.25
N ALA A 74 14.75 6.91 -4.53
CA ALA A 74 14.31 8.08 -5.29
C ALA A 74 13.12 7.67 -6.16
N LYS A 75 11.96 8.23 -5.86
CA LYS A 75 10.78 8.11 -6.70
C LYS A 75 10.69 9.35 -7.57
N ILE A 76 10.55 9.15 -8.89
CA ILE A 76 10.54 10.25 -9.84
C ILE A 76 9.40 10.02 -10.82
N TRP A 77 8.49 10.97 -10.90
CA TRP A 77 7.35 10.92 -11.80
C TRP A 77 7.47 12.09 -12.76
N GLU A 78 7.62 11.79 -14.05
CA GLU A 78 7.78 12.83 -15.05
C GLU A 78 6.81 12.59 -16.20
N LYS A 79 6.42 13.69 -16.84
CA LYS A 79 5.66 13.59 -18.07
C LYS A 79 6.59 13.96 -19.22
N PRO A 80 7.11 12.97 -19.97
CA PRO A 80 8.29 13.24 -20.80
C PRO A 80 8.06 14.19 -21.96
N TRP A 81 6.87 14.19 -22.58
CA TRP A 81 6.67 15.08 -23.73
C TRP A 81 6.39 16.52 -23.32
N LEU A 82 6.39 16.82 -22.02
CA LEU A 82 6.35 18.20 -21.54
C LEU A 82 7.63 18.61 -20.83
N ASN A 83 8.60 17.71 -20.70
CA ASN A 83 9.82 17.92 -19.94
C ASN A 83 9.53 18.27 -18.47
N PHE A 84 8.32 17.97 -18.00
CA PHE A 84 8.03 18.12 -16.59
C PHE A 84 8.57 16.93 -15.81
N LYS A 85 9.15 17.20 -14.66
CA LYS A 85 9.65 16.17 -13.75
C LYS A 85 9.22 16.52 -12.33
N GLU A 86 8.65 15.54 -11.63
CA GLU A 86 8.16 15.72 -10.27
C GLU A 86 8.90 14.75 -9.36
N LEU A 87 9.62 15.29 -8.37
CA LEU A 87 10.33 14.48 -7.40
C LEU A 87 9.43 14.25 -6.19
N GLN A 88 9.07 12.99 -5.96
CA GLN A 88 8.18 12.65 -4.85
C GLN A 88 8.97 12.15 -3.65
N GLU A 89 9.50 10.93 -3.74
CA GLU A 89 10.26 10.35 -2.64
C GLU A 89 11.74 10.66 -2.78
N PHE A 90 12.42 10.74 -1.63
CA PHE A 90 13.88 10.73 -1.59
C PHE A 90 14.32 10.25 -0.21
N LYS A 91 13.94 9.03 0.15
CA LYS A 91 14.16 8.53 1.51
C LYS A 91 15.49 7.83 1.62
N LEU A 92 16.24 8.17 2.68
CA LEU A 92 17.54 7.57 2.93
C LEU A 92 17.42 6.06 3.10
N ILE A 93 18.10 5.32 2.24
CA ILE A 93 18.08 3.86 2.30
C ILE A 93 19.13 3.33 3.28
N ASP A 94 20.38 3.74 3.13
CA ASP A 94 21.45 3.22 3.96
C ASP A 94 22.65 4.15 3.88
N ASP A 95 23.34 4.29 5.01
CA ASP A 95 24.60 5.02 5.07
C ASP A 95 25.80 4.09 4.88
N ALA A 96 25.65 3.12 3.97
CA ALA A 96 26.68 2.12 3.70
C ALA A 96 26.40 1.40 2.38
N PRO A 97 27.07 1.78 1.29
CA PRO A 97 26.92 1.13 0.00
C PRO A 97 27.96 0.05 -0.28
N SER B 17 -7.07 -30.39 -5.43
CA SER B 17 -8.04 -29.91 -6.42
C SER B 17 -7.34 -29.13 -7.53
N LEU B 18 -6.20 -28.53 -7.18
CA LEU B 18 -5.34 -27.82 -8.14
C LEU B 18 -6.04 -26.59 -8.73
N GLU B 19 -6.85 -25.91 -7.90
CA GLU B 19 -7.26 -24.55 -8.24
C GLU B 19 -6.07 -23.60 -8.29
N ILE B 20 -4.94 -24.02 -7.72
CA ILE B 20 -3.74 -23.21 -7.65
C ILE B 20 -3.30 -22.75 -9.04
N ASP B 21 -3.49 -23.60 -10.06
CA ASP B 21 -3.10 -23.22 -11.41
C ASP B 21 -3.81 -21.96 -11.85
N SER B 22 -5.13 -22.00 -11.94
CA SER B 22 -5.90 -20.81 -12.33
C SER B 22 -5.71 -19.67 -11.34
N LEU B 23 -5.46 -19.99 -10.07
CA LEU B 23 -5.07 -18.95 -9.12
C LEU B 23 -3.75 -18.32 -9.50
N ALA B 24 -2.82 -19.13 -10.01
CA ALA B 24 -1.51 -18.62 -10.42
C ALA B 24 -1.58 -17.85 -11.73
N ARG B 25 -2.51 -18.22 -12.62
CA ARG B 25 -2.67 -17.46 -13.86
C ARG B 25 -3.38 -16.13 -13.61
N PHE B 26 -4.37 -16.12 -12.71
CA PHE B 26 -4.97 -14.86 -12.27
C PHE B 26 -3.93 -13.95 -11.64
N ALA B 27 -2.93 -14.52 -10.97
CA ALA B 27 -1.89 -13.70 -10.34
C ALA B 27 -1.11 -12.90 -11.37
N VAL B 28 -0.86 -13.50 -12.53
CA VAL B 28 -0.04 -12.80 -13.52
C VAL B 28 -0.88 -11.86 -14.36
N ASP B 29 -2.14 -12.21 -14.65
CA ASP B 29 -3.00 -11.30 -15.40
C ASP B 29 -3.20 -9.98 -14.67
N GLU B 30 -3.40 -10.03 -13.36
CA GLU B 30 -3.48 -8.80 -12.59
C GLU B 30 -2.17 -8.02 -12.67
N HIS B 31 -1.03 -8.72 -12.65
CA HIS B 31 0.24 -8.06 -12.84
C HIS B 31 0.35 -7.47 -14.23
N ASN B 32 -0.13 -8.19 -15.25
CA ASN B 32 -0.08 -7.70 -16.62
C ASN B 32 -0.94 -6.46 -16.81
N LYS B 33 -1.92 -6.23 -15.94
CA LYS B 33 -2.77 -5.04 -15.97
C LYS B 33 -2.29 -3.97 -15.01
N LYS B 34 -2.06 -4.33 -13.74
CA LYS B 34 -1.56 -3.37 -12.76
C LYS B 34 -0.22 -2.78 -13.17
N GLN B 35 0.61 -3.54 -13.89
CA GLN B 35 1.96 -3.11 -14.21
C GLN B 35 2.22 -2.93 -15.70
N ASN B 36 1.27 -3.30 -16.56
CA ASN B 36 1.43 -3.18 -18.01
C ASN B 36 2.66 -3.96 -18.49
N THR B 37 2.73 -5.23 -18.08
CA THR B 37 3.79 -6.13 -18.50
C THR B 37 3.21 -7.18 -19.45
N LEU B 38 4.12 -7.99 -20.02
CA LEU B 38 3.74 -9.02 -20.97
C LEU B 38 4.41 -10.33 -20.59
N LEU B 39 4.10 -10.79 -19.38
CA LEU B 39 4.53 -12.11 -18.91
C LEU B 39 3.53 -13.15 -19.37
N GLU B 40 4.03 -14.25 -19.92
CA GLU B 40 3.20 -15.40 -20.26
C GLU B 40 3.46 -16.51 -19.26
N PHE B 41 2.39 -17.13 -18.77
CA PHE B 41 2.50 -18.11 -17.70
C PHE B 41 3.30 -19.33 -18.15
N GLY B 42 4.01 -19.93 -17.19
CA GLY B 42 4.75 -21.14 -17.44
C GLY B 42 4.26 -22.30 -16.59
N LYS B 43 4.55 -22.27 -15.30
CA LYS B 43 4.14 -23.34 -14.39
C LYS B 43 4.26 -22.84 -12.96
N VAL B 44 3.85 -23.69 -12.02
CA VAL B 44 4.00 -23.44 -10.60
C VAL B 44 5.19 -24.24 -10.10
N LEU B 45 5.92 -23.66 -9.14
CA LEU B 45 7.08 -24.32 -8.54
C LEU B 45 6.85 -24.73 -7.09
N ASN B 46 6.11 -23.93 -6.32
CA ASN B 46 5.84 -24.23 -4.93
C ASN B 46 4.64 -23.41 -4.49
N ALA B 47 3.86 -23.95 -3.56
CA ALA B 47 2.63 -23.28 -3.12
C ALA B 47 2.35 -23.68 -1.67
N LYS B 48 2.65 -22.78 -0.75
CA LYS B 48 2.13 -22.88 0.60
C LYS B 48 0.74 -22.24 0.65
N GLN B 49 -0.06 -22.68 1.63
CA GLN B 49 -1.43 -22.19 1.76
C GLN B 49 -1.72 -21.93 3.23
N GLN B 50 -2.14 -20.70 3.54
CA GLN B 50 -2.50 -20.29 4.88
C GLN B 50 -4.01 -20.08 4.97
N VAL B 51 -4.54 -20.28 6.17
CA VAL B 51 -5.92 -19.93 6.50
C VAL B 51 -5.85 -19.01 7.71
N VAL B 52 -6.23 -17.75 7.52
CA VAL B 52 -6.02 -16.71 8.52
C VAL B 52 -7.33 -16.37 9.20
N SER B 53 -7.24 -16.00 10.47
CA SER B 53 -8.40 -15.60 11.26
C SER B 53 -7.90 -14.79 12.44
N GLY B 54 -8.44 -13.58 12.60
CA GLY B 54 -8.00 -12.72 13.68
C GLY B 54 -8.51 -11.31 13.45
N THR B 55 -8.24 -10.47 14.44
CA THR B 55 -8.65 -9.06 14.42
C THR B 55 -7.42 -8.18 14.49
N VAL B 56 -7.19 -7.39 13.45
CA VAL B 56 -6.11 -6.42 13.44
C VAL B 56 -6.63 -5.12 14.05
N TYR B 57 -5.79 -4.46 14.84
CA TYR B 57 -6.17 -3.28 15.62
C TYR B 57 -5.27 -2.12 15.27
N TYR B 58 -5.86 -1.08 14.70
CA TYR B 58 -5.18 0.19 14.46
C TYR B 58 -5.62 1.15 15.57
N ILE B 59 -4.66 1.69 16.31
CA ILE B 59 -4.98 2.50 17.48
C ILE B 59 -4.05 3.72 17.48
N THR B 60 -4.63 4.91 17.41
CA THR B 60 -3.90 6.16 17.63
C THR B 60 -3.99 6.51 19.11
N LEU B 61 -2.84 6.60 19.78
CA LEU B 61 -2.83 6.75 21.22
C LEU B 61 -1.78 7.78 21.64
N GLU B 62 -2.15 8.59 22.62
CA GLU B 62 -1.31 9.65 23.16
C GLU B 62 -0.60 9.16 24.40
N VAL B 63 0.67 9.54 24.55
CA VAL B 63 1.49 9.11 25.68
C VAL B 63 2.21 10.30 26.28
N THR B 64 3.28 10.04 27.03
CA THR B 64 4.12 11.11 27.58
C THR B 64 5.53 10.55 27.80
N ASP B 65 6.45 10.92 26.91
CA ASP B 65 7.83 10.46 26.96
C ASP B 65 8.64 11.41 27.82
N GLY B 66 8.98 10.98 29.03
CA GLY B 66 9.77 11.80 29.93
C GLY B 66 9.11 13.09 30.36
N GLY B 67 7.79 13.17 30.27
CA GLY B 67 7.04 14.35 30.63
C GLY B 67 6.49 15.12 29.45
N LYS B 68 7.17 15.06 28.31
CA LYS B 68 6.72 15.73 27.09
C LYS B 68 5.85 14.76 26.29
N LYS B 69 4.60 15.13 26.07
CA LYS B 69 3.61 14.20 25.55
C LYS B 69 3.67 14.10 24.03
N LYS B 70 3.54 12.87 23.54
CA LYS B 70 3.53 12.55 22.12
C LYS B 70 2.29 11.74 21.79
N VAL B 71 2.14 11.41 20.50
CA VAL B 71 1.07 10.53 20.04
C VAL B 71 1.66 9.54 19.05
N TYR B 72 1.10 8.34 19.04
CA TYR B 72 1.63 7.23 18.25
C TYR B 72 0.51 6.53 17.48
N GLU B 73 0.89 5.83 16.42
CA GLU B 73 0.04 4.82 15.81
C GLU B 73 0.61 3.45 16.15
N ALA B 74 -0.28 2.46 16.27
CA ALA B 74 0.14 1.14 16.72
C ALA B 74 -0.77 0.08 16.11
N LYS B 75 -0.18 -0.82 15.34
CA LYS B 75 -0.89 -1.97 14.80
C LYS B 75 -0.84 -3.12 15.80
N ILE B 76 -1.99 -3.76 16.01
CA ILE B 76 -2.10 -4.90 16.93
C ILE B 76 -2.88 -6.00 16.24
N TRP B 77 -2.29 -7.17 16.14
CA TRP B 77 -2.95 -8.36 15.59
C TRP B 77 -3.07 -9.40 16.69
N GLU B 78 -4.29 -9.87 16.93
CA GLU B 78 -4.52 -10.83 18.00
C GLU B 78 -5.47 -11.92 17.54
N LYS B 79 -5.25 -13.12 18.07
CA LYS B 79 -6.13 -14.26 17.89
C LYS B 79 -6.91 -14.43 19.19
N PRO B 80 -8.10 -13.84 19.30
CA PRO B 80 -8.71 -13.66 20.62
C PRO B 80 -9.11 -14.94 21.33
N TRP B 81 -9.42 -16.00 20.59
CA TRP B 81 -9.85 -17.24 21.24
C TRP B 81 -8.74 -17.90 22.04
N LEU B 82 -7.49 -17.47 21.86
CA LEU B 82 -6.37 -18.09 22.54
C LEU B 82 -5.44 -17.05 23.17
N ASN B 83 -5.96 -15.83 23.37
CA ASN B 83 -5.35 -14.82 24.24
C ASN B 83 -3.93 -14.49 23.79
N PHE B 84 -3.75 -14.37 22.48
CA PHE B 84 -2.46 -14.05 21.90
C PHE B 84 -2.57 -12.70 21.20
N LYS B 85 -1.88 -11.71 21.75
CA LYS B 85 -1.73 -10.42 21.10
C LYS B 85 -0.26 -10.17 20.83
N GLU B 86 0.03 -9.49 19.72
CA GLU B 86 1.39 -9.19 19.33
C GLU B 86 1.45 -7.77 18.77
N LEU B 87 2.54 -7.07 19.08
CA LEU B 87 2.71 -5.71 18.61
C LEU B 87 3.51 -5.70 17.32
N GLN B 88 3.00 -4.98 16.31
CA GLN B 88 3.70 -4.84 15.06
C GLN B 88 4.11 -3.39 14.91
N GLU B 89 3.24 -2.50 14.42
CA GLU B 89 3.63 -1.12 14.19
C GLU B 89 3.72 -0.34 15.50
N PHE B 90 4.67 0.60 15.55
CA PHE B 90 4.74 1.58 16.63
C PHE B 90 5.65 2.73 16.21
N LYS B 91 5.12 3.66 15.42
CA LYS B 91 5.87 4.81 14.93
C LYS B 91 5.34 6.08 15.58
N LEU B 92 6.22 7.08 15.70
CA LEU B 92 5.83 8.39 16.17
C LEU B 92 5.01 9.10 15.10
N ILE B 93 3.89 9.71 15.51
CA ILE B 93 2.98 10.36 14.59
C ILE B 93 2.96 11.87 14.78
N ASP B 94 2.95 12.36 16.03
CA ASP B 94 2.93 13.79 16.25
C ASP B 94 3.41 14.15 17.65
N ASP B 95 2.77 15.15 18.26
CA ASP B 95 3.26 15.71 19.52
C ASP B 95 2.15 16.42 20.28
N ALA B 96 0.92 15.95 20.16
CA ALA B 96 -0.27 16.59 20.71
C ALA B 96 -0.34 18.04 20.23
N PRO B 97 -0.72 18.27 18.96
CA PRO B 97 -0.75 19.60 18.36
C PRO B 97 -2.13 20.27 18.36
N SER C 17 20.71 4.31 -23.38
CA SER C 17 19.64 5.17 -22.91
C SER C 17 19.85 5.55 -21.45
N LEU C 18 20.47 6.72 -21.20
CA LEU C 18 20.69 7.18 -19.83
C LEU C 18 20.06 8.54 -19.56
N GLU C 19 18.74 8.64 -19.79
CA GLU C 19 17.97 9.69 -19.14
C GLU C 19 17.93 9.46 -17.64
N ILE C 20 18.11 8.22 -17.20
CA ILE C 20 18.15 7.87 -15.78
C ILE C 20 19.21 8.68 -15.05
N ASP C 21 20.29 9.05 -15.74
CA ASP C 21 21.31 9.89 -15.14
C ASP C 21 20.77 11.27 -14.82
N SER C 22 20.06 11.88 -15.78
CA SER C 22 19.50 13.21 -15.56
C SER C 22 18.55 13.23 -14.37
N LEU C 23 17.63 12.26 -14.32
CA LEU C 23 16.66 12.20 -13.23
C LEU C 23 17.36 12.01 -11.88
N ALA C 24 18.50 11.32 -11.86
CA ALA C 24 19.19 11.07 -10.60
C ALA C 24 19.80 12.35 -10.04
N ARG C 25 20.66 13.02 -10.82
CA ARG C 25 21.24 14.29 -10.37
C ARG C 25 20.15 15.32 -10.10
N PHE C 26 19.11 15.34 -10.94
CA PHE C 26 18.00 16.26 -10.71
C PHE C 26 17.29 15.94 -9.41
N ALA C 27 17.15 14.65 -9.08
CA ALA C 27 16.58 14.28 -7.80
C ALA C 27 17.45 14.75 -6.64
N VAL C 28 18.76 14.76 -6.83
CA VAL C 28 19.64 15.36 -5.83
C VAL C 28 19.56 16.87 -5.88
N ASP C 29 19.35 17.43 -7.08
CA ASP C 29 19.24 18.89 -7.21
C ASP C 29 18.00 19.43 -6.52
N GLU C 30 16.94 18.63 -6.42
CA GLU C 30 15.73 19.09 -5.76
C GLU C 30 15.78 18.89 -4.25
N HIS C 31 16.34 17.77 -3.79
CA HIS C 31 16.68 17.67 -2.37
C HIS C 31 17.73 18.70 -2.01
N ASN C 32 18.53 19.13 -2.99
CA ASN C 32 19.42 20.27 -2.79
C ASN C 32 18.62 21.56 -2.65
N LYS C 33 17.52 21.67 -3.39
CA LYS C 33 16.66 22.85 -3.37
C LYS C 33 15.63 22.79 -2.25
N LYS C 34 14.99 21.63 -2.06
CA LYS C 34 14.06 21.43 -0.96
C LYS C 34 14.76 21.66 0.37
N GLN C 35 15.65 20.75 0.74
CA GLN C 35 16.43 20.85 1.97
C GLN C 35 17.78 21.47 1.68
N ASN C 36 18.36 22.12 2.68
CA ASN C 36 19.66 22.78 2.53
C ASN C 36 20.80 21.78 2.76
N THR C 37 20.78 20.72 1.95
CA THR C 37 21.77 19.66 2.00
C THR C 37 22.59 19.67 0.72
N LEU C 38 23.91 19.77 0.87
CA LEU C 38 24.82 19.85 -0.28
C LEU C 38 25.44 18.48 -0.50
N LEU C 39 24.68 17.61 -1.16
CA LEU C 39 25.09 16.25 -1.46
C LEU C 39 25.63 16.18 -2.89
N GLU C 40 26.82 15.63 -3.04
CA GLU C 40 27.36 15.38 -4.38
C GLU C 40 26.82 14.07 -4.93
N PHE C 41 26.76 13.98 -6.26
CA PHE C 41 26.14 12.85 -6.95
C PHE C 41 27.21 11.83 -7.33
N GLY C 42 27.02 10.59 -6.87
CA GLY C 42 27.90 9.50 -7.26
C GLY C 42 27.55 8.96 -8.63
N LYS C 43 26.68 7.96 -8.69
CA LYS C 43 26.23 7.41 -9.96
C LYS C 43 24.93 6.64 -9.75
N VAL C 44 24.22 6.43 -10.87
CA VAL C 44 22.97 5.68 -10.83
C VAL C 44 23.26 4.23 -10.46
N LEU C 45 22.41 3.67 -9.58
CA LEU C 45 22.60 2.28 -9.18
C LEU C 45 21.57 1.37 -9.84
N ASN C 46 20.32 1.44 -9.37
CA ASN C 46 19.24 0.63 -9.91
C ASN C 46 18.17 1.54 -10.52
N ALA C 47 17.32 0.95 -11.35
CA ALA C 47 16.33 1.73 -12.09
C ALA C 47 15.08 0.89 -12.32
N LYS C 48 13.92 1.57 -12.31
CA LYS C 48 12.63 0.93 -12.58
C LYS C 48 11.75 1.96 -13.27
N GLN C 49 11.39 1.70 -14.52
CA GLN C 49 10.59 2.61 -15.33
C GLN C 49 9.32 1.90 -15.75
N GLN C 50 8.17 2.44 -15.36
CA GLN C 50 6.88 1.90 -15.75
C GLN C 50 5.95 3.05 -16.06
N VAL C 51 5.45 3.09 -17.30
CA VAL C 51 4.56 4.15 -17.72
C VAL C 51 3.16 3.87 -17.18
N VAL C 52 2.54 4.88 -16.59
CA VAL C 52 1.22 4.75 -16.01
C VAL C 52 0.19 5.36 -16.96
N SER C 53 -0.84 4.59 -17.29
CA SER C 53 -1.93 5.08 -18.10
C SER C 53 -3.24 5.03 -17.33
N GLY C 54 -4.37 5.09 -18.03
CA GLY C 54 -5.68 4.98 -17.41
C GLY C 54 -6.29 6.33 -17.09
N THR C 55 -7.35 6.26 -16.28
CA THR C 55 -8.10 7.44 -15.89
C THR C 55 -8.72 7.21 -14.52
N VAL C 56 -8.30 8.03 -13.54
CA VAL C 56 -8.69 7.84 -12.15
C VAL C 56 -9.98 8.62 -11.87
N TYR C 57 -10.87 7.99 -11.10
CA TYR C 57 -12.16 8.58 -10.75
C TYR C 57 -12.20 8.79 -9.24
N TYR C 58 -12.47 10.02 -8.82
CA TYR C 58 -12.76 10.33 -7.43
C TYR C 58 -14.27 10.43 -7.28
N ILE C 59 -14.85 9.61 -6.40
CA ILE C 59 -16.30 9.59 -6.20
C ILE C 59 -16.59 9.95 -4.75
N THR C 60 -17.42 10.98 -4.56
CA THR C 60 -18.01 11.30 -3.27
C THR C 60 -19.44 10.75 -3.26
N LEU C 61 -19.73 9.85 -2.33
CA LEU C 61 -21.00 9.14 -2.37
C LEU C 61 -21.64 9.11 -0.98
N GLU C 62 -22.97 8.99 -1.00
CA GLU C 62 -23.78 8.81 0.21
C GLU C 62 -24.11 7.32 0.34
N VAL C 63 -24.03 6.81 1.57
CA VAL C 63 -24.15 5.38 1.82
C VAL C 63 -24.82 5.18 3.18
N THR C 64 -25.25 3.95 3.45
CA THR C 64 -25.97 3.62 4.66
C THR C 64 -25.31 2.44 5.37
N ASP C 65 -25.26 2.50 6.70
CA ASP C 65 -24.75 1.40 7.50
C ASP C 65 -25.41 1.43 8.87
N GLY C 66 -26.00 0.31 9.27
CA GLY C 66 -26.71 0.26 10.54
C GLY C 66 -27.89 1.22 10.62
N GLY C 67 -28.52 1.50 9.48
CA GLY C 67 -29.60 2.46 9.42
C GLY C 67 -29.09 3.89 9.21
N LYS C 68 -27.98 4.21 9.88
CA LYS C 68 -27.39 5.52 9.78
C LYS C 68 -26.79 5.73 8.40
N LYS C 69 -26.83 6.98 7.92
CA LYS C 69 -26.24 7.36 6.65
C LYS C 69 -24.84 7.92 6.87
N LYS C 70 -23.91 7.55 6.00
CA LYS C 70 -22.53 8.01 6.08
C LYS C 70 -22.10 8.48 4.69
N VAL C 71 -21.04 9.29 4.66
CA VAL C 71 -20.47 9.82 3.43
C VAL C 71 -19.01 9.38 3.35
N TYR C 72 -18.67 8.73 2.23
CA TYR C 72 -17.33 8.22 2.00
C TYR C 72 -16.76 8.82 0.72
N GLU C 73 -15.44 8.68 0.56
CA GLU C 73 -14.73 9.09 -0.64
C GLU C 73 -14.03 7.88 -1.23
N ALA C 74 -14.26 7.63 -2.52
CA ALA C 74 -13.78 6.43 -3.20
C ALA C 74 -12.94 6.83 -4.40
N LYS C 75 -11.63 6.57 -4.33
CA LYS C 75 -10.73 6.78 -5.45
C LYS C 75 -10.62 5.47 -6.24
N ILE C 76 -11.23 5.45 -7.42
CA ILE C 76 -11.20 4.28 -8.29
C ILE C 76 -10.25 4.55 -9.44
N TRP C 77 -9.54 3.51 -9.87
CA TRP C 77 -8.61 3.60 -10.98
C TRP C 77 -9.00 2.58 -12.04
N GLU C 78 -8.78 2.95 -13.30
CA GLU C 78 -9.26 2.15 -14.42
C GLU C 78 -8.21 2.04 -15.51
N LYS C 79 -8.23 0.90 -16.20
CA LYS C 79 -7.60 0.71 -17.50
C LYS C 79 -8.67 0.08 -18.37
N PRO C 80 -9.60 0.90 -18.88
CA PRO C 80 -10.86 0.34 -19.41
C PRO C 80 -10.70 -0.60 -20.58
N TRP C 81 -9.65 -0.47 -21.39
CA TRP C 81 -9.50 -1.35 -22.53
C TRP C 81 -8.86 -2.69 -22.17
N LEU C 82 -8.35 -2.83 -20.94
CA LEU C 82 -7.71 -4.05 -20.49
C LEU C 82 -8.54 -4.81 -19.45
N ASN C 83 -9.80 -4.42 -19.25
CA ASN C 83 -10.65 -4.99 -18.21
C ASN C 83 -9.96 -4.90 -16.84
N PHE C 84 -9.68 -3.66 -16.43
CA PHE C 84 -9.04 -3.39 -15.15
C PHE C 84 -9.90 -2.41 -14.35
N LYS C 85 -10.36 -2.87 -13.18
CA LYS C 85 -11.06 -2.03 -12.22
C LYS C 85 -10.36 -2.22 -10.88
N GLU C 86 -9.68 -1.18 -10.40
CA GLU C 86 -8.95 -1.25 -9.14
C GLU C 86 -9.35 -0.09 -8.25
N LEU C 87 -9.53 -0.38 -6.97
CA LEU C 87 -9.99 0.60 -5.99
C LEU C 87 -8.85 0.92 -5.03
N GLN C 88 -8.37 2.17 -5.08
CA GLN C 88 -7.21 2.57 -4.29
C GLN C 88 -7.57 3.13 -2.92
N GLU C 89 -8.80 3.59 -2.72
CA GLU C 89 -9.10 4.35 -1.52
C GLU C 89 -10.59 4.23 -1.20
N PHE C 90 -10.90 4.24 0.10
CA PHE C 90 -12.28 4.28 0.60
C PHE C 90 -12.27 5.00 1.95
N LYS C 91 -12.00 6.30 1.90
CA LYS C 91 -11.95 7.12 3.10
C LYS C 91 -13.36 7.49 3.58
N LEU C 92 -13.49 7.66 4.89
CA LEU C 92 -14.75 8.09 5.49
C LEU C 92 -14.73 9.61 5.63
N ILE C 93 -15.60 10.29 4.90
CA ILE C 93 -15.63 11.75 4.94
C ILE C 93 -16.39 12.23 6.17
N ASP C 94 -17.65 11.82 6.29
CA ASP C 94 -18.57 12.40 7.26
C ASP C 94 -19.17 11.31 8.13
N ASP C 95 -19.00 11.45 9.44
CA ASP C 95 -19.65 10.53 10.37
C ASP C 95 -21.13 10.86 10.52
N ALA C 96 -21.48 12.14 10.57
CA ALA C 96 -22.85 12.60 10.80
C ALA C 96 -23.22 13.58 9.69
N PRO C 97 -23.73 13.09 8.55
CA PRO C 97 -24.24 13.98 7.50
C PRO C 97 -25.61 14.54 7.87
N SER D 17 -12.44 2.47 24.95
CA SER D 17 -13.42 1.94 25.88
C SER D 17 -13.08 0.49 26.28
N LEU D 18 -12.57 0.34 27.50
CA LEU D 18 -12.22 -0.96 28.08
C LEU D 18 -11.12 -1.65 27.28
N GLU D 19 -11.51 -2.57 26.39
CA GLU D 19 -10.55 -3.47 25.76
C GLU D 19 -9.51 -2.71 24.94
N ILE D 20 -9.92 -1.62 24.28
CA ILE D 20 -8.99 -0.86 23.45
C ILE D 20 -7.89 -0.25 24.30
N ASP D 21 -8.22 0.20 25.51
CA ASP D 21 -7.21 0.76 26.41
C ASP D 21 -6.27 -0.33 26.93
N SER D 22 -6.83 -1.50 27.26
CA SER D 22 -5.98 -2.64 27.63
C SER D 22 -5.08 -3.06 26.47
N LEU D 23 -5.59 -3.02 25.24
CA LEU D 23 -4.78 -3.31 24.07
C LEU D 23 -3.71 -2.24 23.88
N ALA D 24 -4.11 -0.97 23.88
CA ALA D 24 -3.15 0.11 23.77
C ALA D 24 -2.15 0.10 24.92
N ARG D 25 -2.56 -0.38 26.10
CA ARG D 25 -1.61 -0.60 27.18
C ARG D 25 -0.55 -1.60 26.77
N PHE D 26 -0.97 -2.74 26.21
CA PHE D 26 -0.03 -3.77 25.79
C PHE D 26 0.92 -3.22 24.72
N ALA D 27 0.40 -2.40 23.81
CA ALA D 27 1.23 -1.83 22.75
C ALA D 27 2.37 -1.00 23.34
N VAL D 28 2.09 -0.19 24.36
CA VAL D 28 3.13 0.59 25.00
C VAL D 28 4.10 -0.32 25.74
N ASP D 29 3.57 -1.27 26.51
CA ASP D 29 4.44 -2.17 27.28
C ASP D 29 5.37 -2.96 26.37
N GLU D 30 4.89 -3.35 25.18
CA GLU D 30 5.75 -4.02 24.22
C GLU D 30 6.87 -3.10 23.77
N HIS D 31 6.55 -1.83 23.47
CA HIS D 31 7.59 -0.88 23.07
C HIS D 31 8.56 -0.63 24.20
N ASN D 32 8.07 -0.50 25.44
CA ASN D 32 8.95 -0.30 26.57
C ASN D 32 9.93 -1.45 26.74
N LYS D 33 9.56 -2.65 26.30
CA LYS D 33 10.45 -3.79 26.38
C LYS D 33 11.39 -3.84 25.18
N LYS D 34 10.85 -3.62 23.97
CA LYS D 34 11.60 -3.92 22.76
C LYS D 34 12.84 -3.03 22.62
N GLN D 35 12.75 -1.76 23.02
CA GLN D 35 13.90 -0.87 22.91
C GLN D 35 14.04 0.06 24.11
N ASN D 36 13.54 -0.36 25.27
CA ASN D 36 13.84 0.31 26.55
C ASN D 36 13.37 1.76 26.56
N THR D 37 12.18 2.01 25.99
CA THR D 37 11.61 3.35 25.96
C THR D 37 10.55 3.47 27.06
N LEU D 38 10.76 4.41 27.98
CA LEU D 38 9.91 4.58 29.15
C LEU D 38 8.68 5.44 28.82
N LEU D 39 7.82 4.89 27.97
CA LEU D 39 6.59 5.58 27.59
C LEU D 39 5.52 5.38 28.66
N GLU D 40 4.88 6.47 29.07
CA GLU D 40 3.81 6.44 30.05
C GLU D 40 2.48 6.63 29.34
N PHE D 41 1.52 5.76 29.65
CA PHE D 41 0.28 5.67 28.90
C PHE D 41 -0.57 6.94 29.09
N GLY D 42 -1.47 7.15 28.14
CA GLY D 42 -2.38 8.28 28.18
C GLY D 42 -3.76 7.94 27.66
N LYS D 43 -4.25 8.72 26.70
CA LYS D 43 -5.59 8.50 26.14
C LYS D 43 -5.52 7.56 24.94
N VAL D 44 -6.68 7.34 24.32
CA VAL D 44 -6.80 6.60 23.08
C VAL D 44 -7.62 7.46 22.13
N LEU D 45 -6.96 8.04 21.13
CA LEU D 45 -7.61 9.05 20.29
C LEU D 45 -8.52 8.43 19.24
N ASN D 46 -8.15 7.27 18.68
CA ASN D 46 -8.90 6.70 17.57
C ASN D 46 -8.89 5.19 17.70
N ALA D 47 -9.67 4.53 16.84
CA ALA D 47 -9.78 3.08 16.89
C ALA D 47 -10.35 2.57 15.58
N LYS D 48 -9.67 1.60 14.98
CA LYS D 48 -10.18 0.81 13.88
C LYS D 48 -10.05 -0.67 14.24
N GLN D 49 -11.07 -1.45 13.89
CA GLN D 49 -11.02 -2.89 14.16
C GLN D 49 -11.76 -3.61 13.04
N GLN D 50 -11.04 -4.43 12.29
CA GLN D 50 -11.64 -5.25 11.25
C GLN D 50 -11.22 -6.69 11.46
N VAL D 51 -12.19 -7.60 11.38
CA VAL D 51 -11.92 -9.02 11.57
C VAL D 51 -11.38 -9.59 10.26
N VAL D 52 -10.19 -10.15 10.33
CA VAL D 52 -9.56 -10.78 9.17
C VAL D 52 -9.97 -12.24 9.11
N SER D 53 -10.47 -12.67 7.96
CA SER D 53 -10.93 -14.04 7.80
C SER D 53 -10.79 -14.43 6.33
N GLY D 54 -10.05 -15.50 6.06
CA GLY D 54 -9.85 -15.96 4.71
C GLY D 54 -8.69 -16.92 4.64
N THR D 55 -8.25 -17.17 3.41
CA THR D 55 -7.12 -18.05 3.14
C THR D 55 -6.12 -17.34 2.25
N VAL D 56 -4.84 -17.42 2.62
CA VAL D 56 -3.76 -16.83 1.84
C VAL D 56 -3.12 -17.90 0.98
N TYR D 57 -2.64 -17.50 -0.19
CA TYR D 57 -1.89 -18.39 -1.07
C TYR D 57 -0.57 -17.73 -1.42
N TYR D 58 0.53 -18.44 -1.18
CA TYR D 58 1.86 -18.05 -1.65
C TYR D 58 2.23 -18.99 -2.78
N ILE D 59 2.53 -18.43 -3.95
CA ILE D 59 2.83 -19.22 -5.14
C ILE D 59 4.16 -18.78 -5.70
N THR D 60 5.12 -19.69 -5.75
CA THR D 60 6.35 -19.51 -6.51
C THR D 60 6.11 -20.05 -7.91
N LEU D 61 5.95 -19.16 -8.88
CA LEU D 61 5.62 -19.53 -10.24
C LEU D 61 6.83 -19.33 -11.15
N GLU D 62 6.63 -19.54 -12.45
CA GLU D 62 7.67 -19.33 -13.44
C GLU D 62 6.99 -18.87 -14.72
N VAL D 63 7.48 -17.77 -15.29
CA VAL D 63 6.86 -17.16 -16.47
C VAL D 63 7.94 -16.91 -17.51
N THR D 64 7.49 -16.55 -18.71
CA THR D 64 8.37 -16.27 -19.84
C THR D 64 8.26 -14.78 -20.15
N ASP D 65 9.07 -13.98 -19.46
CA ASP D 65 9.09 -12.53 -19.66
C ASP D 65 9.71 -12.23 -21.01
N GLY D 66 8.89 -12.19 -22.07
CA GLY D 66 9.39 -11.89 -23.40
C GLY D 66 10.50 -12.79 -23.88
N GLY D 67 10.18 -14.08 -24.05
CA GLY D 67 11.14 -15.03 -24.55
C GLY D 67 12.07 -15.58 -23.48
N LYS D 68 12.38 -14.77 -22.46
CA LYS D 68 13.26 -15.22 -21.40
C LYS D 68 12.50 -16.09 -20.40
N LYS D 69 13.08 -16.30 -19.22
CA LYS D 69 12.49 -17.16 -18.20
C LYS D 69 12.76 -16.51 -16.85
N LYS D 70 11.76 -15.85 -16.30
CA LYS D 70 11.86 -15.19 -15.00
C LYS D 70 11.00 -15.91 -13.98
N VAL D 71 11.45 -15.93 -12.73
CA VAL D 71 10.77 -16.62 -11.64
C VAL D 71 10.20 -15.59 -10.68
N TYR D 72 8.90 -15.68 -10.43
CA TYR D 72 8.18 -14.74 -9.58
C TYR D 72 7.60 -15.45 -8.37
N GLU D 73 7.25 -14.65 -7.35
CA GLU D 73 6.58 -15.14 -6.16
C GLU D 73 5.34 -14.27 -5.94
N ALA D 74 4.16 -14.89 -5.98
CA ALA D 74 2.90 -14.17 -5.89
C ALA D 74 2.16 -14.56 -4.62
N LYS D 75 1.53 -13.57 -3.98
CA LYS D 75 0.72 -13.76 -2.79
C LYS D 75 -0.71 -13.31 -3.08
N ILE D 76 -1.66 -14.20 -2.84
CA ILE D 76 -3.07 -13.93 -3.12
C ILE D 76 -3.87 -14.20 -1.86
N TRP D 77 -4.88 -13.36 -1.63
CA TRP D 77 -5.78 -13.50 -0.49
C TRP D 77 -7.19 -13.75 -1.00
N GLU D 78 -7.75 -14.91 -0.68
CA GLU D 78 -9.05 -15.31 -1.18
C GLU D 78 -10.05 -15.49 -0.03
N LYS D 79 -11.27 -15.03 -0.27
CA LYS D 79 -12.43 -15.37 0.56
C LYS D 79 -13.56 -15.71 -0.39
N PRO D 80 -13.67 -16.97 -0.80
CA PRO D 80 -14.55 -17.29 -1.95
C PRO D 80 -16.03 -17.36 -1.62
N TRP D 81 -16.42 -17.48 -0.35
CA TRP D 81 -17.85 -17.51 -0.02
C TRP D 81 -18.55 -16.21 -0.35
N LEU D 82 -17.80 -15.21 -0.82
CA LEU D 82 -18.38 -13.97 -1.33
C LEU D 82 -17.64 -13.47 -2.57
N ASN D 83 -16.85 -14.34 -3.22
CA ASN D 83 -16.10 -14.03 -4.43
C ASN D 83 -15.11 -12.89 -4.21
N PHE D 84 -13.92 -13.20 -3.70
CA PHE D 84 -12.92 -12.18 -3.41
C PHE D 84 -11.54 -12.74 -3.77
N LYS D 85 -10.93 -12.16 -4.80
CA LYS D 85 -9.55 -12.47 -5.17
C LYS D 85 -8.79 -11.15 -5.24
N GLU D 86 -7.90 -10.94 -4.27
CA GLU D 86 -7.11 -9.71 -4.20
C GLU D 86 -5.63 -10.07 -4.22
N LEU D 87 -4.99 -9.92 -5.37
CA LEU D 87 -3.56 -10.16 -5.47
C LEU D 87 -2.82 -9.11 -4.65
N GLN D 88 -2.06 -9.57 -3.64
CA GLN D 88 -1.41 -8.68 -2.70
C GLN D 88 0.07 -8.47 -2.97
N GLU D 89 0.78 -9.51 -3.39
CA GLU D 89 2.21 -9.41 -3.67
C GLU D 89 2.52 -10.09 -5.00
N PHE D 90 3.56 -9.61 -5.66
CA PHE D 90 4.02 -10.21 -6.91
C PHE D 90 5.45 -9.75 -7.20
N LYS D 91 6.39 -10.23 -6.40
CA LYS D 91 7.78 -9.77 -6.50
C LYS D 91 8.58 -10.68 -7.42
N LEU D 92 9.50 -10.07 -8.15
CA LEU D 92 10.44 -10.83 -8.99
C LEU D 92 11.43 -11.52 -8.06
N ILE D 93 11.26 -12.82 -7.87
CA ILE D 93 12.08 -13.51 -6.90
C ILE D 93 13.46 -13.84 -7.49
N ASP D 94 13.56 -13.99 -8.81
CA ASP D 94 14.82 -14.43 -9.40
C ASP D 94 14.70 -14.29 -10.92
N ASP D 95 15.85 -14.08 -11.56
CA ASP D 95 15.90 -13.90 -13.01
C ASP D 95 16.99 -14.72 -13.69
N ALA D 96 17.67 -15.63 -12.96
CA ALA D 96 18.79 -16.38 -13.51
C ALA D 96 18.53 -17.88 -13.47
N PRO D 97 17.63 -18.38 -14.34
CA PRO D 97 17.48 -19.83 -14.46
C PRO D 97 18.13 -20.38 -15.73
#